data_2EJT
#
_entry.id   2EJT
#
_cell.length_a   74.755
_cell.length_b   109.414
_cell.length_c   96.671
_cell.angle_alpha   90.00
_cell.angle_beta   90.00
_cell.angle_gamma   90.00
#
_symmetry.space_group_name_H-M   'C 2 2 21'
#
loop_
_entity.id
_entity.type
_entity.pdbx_description
1 polymer 'N(2),N(2)-dimethylguanosine tRNA methyltransferase'
2 non-polymer S-ADENOSYLMETHIONINE
3 non-polymer GLYCEROL
4 water water
#
_entity_poly.entity_id   1
_entity_poly.type   'polypeptide(L)'
_entity_poly.pdbx_seq_one_letter_code
;MELIEVQEGKAKILIPKAESIYDSPVFYNPRMALNRDIVVVLLNILNPKIVLDALSATGIRGIRFALETPAEEVWLNDIS
EDAYELMKRNVMLNFDGELRESKGRAILKGEKTIVINHDDANRLMAERHRYFHFIDLDPFGSPMEFLDTALRSAKRRGIL
GVTATDGAPLCGAHPRACLRKYLAVPLRGELCHEVGTRILVGVIARYAAKYDLGIDVILAYYKDHYFRAFVKLKDGARKG
DETLEKLGYIYFDDKTGKFELEQGFLPTRPNAYGPVWLGPLKDEKIVSKMVKEAESLSLARKKQALKLLKMIDQELDIPL
FYDTHAIGRRLKIETKKVEEIISALREQGYEATRTHFSPTGIKTSAPYEVFIETIKRI
;
_entity_poly.pdbx_strand_id   A
#
loop_
_chem_comp.id
_chem_comp.type
_chem_comp.name
_chem_comp.formula
GOL non-polymer GLYCEROL 'C3 H8 O3'
SAM non-polymer S-ADENOSYLMETHIONINE 'C15 H22 N6 O5 S'
#
# COMPACT_ATOMS: atom_id res chain seq x y z
N LEU A 3 -19.40 -23.57 -7.80
CA LEU A 3 -18.62 -22.53 -8.56
C LEU A 3 -19.56 -21.52 -9.19
N ILE A 4 -19.61 -20.32 -8.63
CA ILE A 4 -20.49 -19.27 -9.15
C ILE A 4 -19.69 -18.21 -9.91
N GLU A 5 -20.36 -17.50 -10.80
CA GLU A 5 -19.68 -16.46 -11.57
C GLU A 5 -20.00 -15.10 -10.97
N VAL A 6 -19.00 -14.23 -10.95
CA VAL A 6 -19.17 -12.88 -10.42
C VAL A 6 -18.43 -11.92 -11.33
N GLN A 7 -18.74 -10.64 -11.20
CA GLN A 7 -18.09 -9.64 -12.02
C GLN A 7 -17.45 -8.58 -11.15
N GLU A 8 -16.29 -8.10 -11.58
CA GLU A 8 -15.56 -7.04 -10.86
C GLU A 8 -14.87 -6.19 -11.92
N GLY A 9 -15.31 -4.94 -12.06
CA GLY A 9 -14.72 -4.08 -13.07
C GLY A 9 -15.11 -4.65 -14.43
N LYS A 10 -14.16 -4.69 -15.35
CA LYS A 10 -14.43 -5.25 -16.68
C LYS A 10 -14.25 -6.77 -16.72
N ALA A 11 -13.88 -7.35 -15.59
CA ALA A 11 -13.65 -8.80 -15.54
C ALA A 11 -14.79 -9.62 -14.98
N LYS A 12 -14.93 -10.82 -15.53
CA LYS A 12 -15.93 -11.79 -15.09
C LYS A 12 -15.14 -13.05 -14.72
N ILE A 13 -15.27 -13.49 -13.48
CA ILE A 13 -14.55 -14.66 -13.01
C ILE A 13 -15.43 -15.67 -12.31
N LEU A 14 -14.93 -16.90 -12.23
CA LEU A 14 -15.65 -17.96 -11.55
C LEU A 14 -14.99 -18.12 -10.18
N ILE A 15 -15.80 -18.12 -9.14
CA ILE A 15 -15.31 -18.29 -7.79
C ILE A 15 -16.07 -19.44 -7.15
N PRO A 16 -15.37 -20.30 -6.39
CA PRO A 16 -16.05 -21.43 -5.75
C PRO A 16 -17.05 -20.96 -4.70
N LYS A 17 -17.99 -21.83 -4.35
CA LYS A 17 -19.00 -21.49 -3.34
C LYS A 17 -18.76 -22.29 -2.07
N ALA A 18 -18.83 -21.60 -0.93
CA ALA A 18 -18.61 -22.25 0.36
C ALA A 18 -19.64 -23.35 0.61
N ASP A 23 -12.40 -21.52 4.08
CA ASP A 23 -12.92 -22.89 3.78
C ASP A 23 -12.97 -23.14 2.27
N SER A 24 -12.93 -22.06 1.50
CA SER A 24 -12.97 -22.15 0.05
C SER A 24 -11.64 -22.62 -0.54
N PRO A 25 -11.69 -23.38 -1.64
CA PRO A 25 -10.50 -23.91 -2.31
C PRO A 25 -9.62 -22.81 -2.92
N VAL A 26 -10.26 -21.73 -3.39
CA VAL A 26 -9.56 -20.60 -3.97
C VAL A 26 -10.13 -19.32 -3.34
N PHE A 27 -9.24 -18.52 -2.77
CA PHE A 27 -9.63 -17.29 -2.09
C PHE A 27 -10.00 -16.11 -2.98
N TYR A 28 -11.08 -15.42 -2.58
CA TYR A 28 -11.58 -14.24 -3.27
C TYR A 28 -12.32 -13.36 -2.27
N ASN A 29 -11.93 -12.10 -2.18
CA ASN A 29 -12.55 -11.16 -1.25
C ASN A 29 -13.08 -9.96 -2.02
N PRO A 30 -14.42 -9.87 -2.18
CA PRO A 30 -15.03 -8.75 -2.90
C PRO A 30 -14.73 -7.40 -2.30
N ARG A 31 -14.42 -7.38 -1.00
CA ARG A 31 -14.10 -6.14 -0.32
C ARG A 31 -12.77 -5.57 -0.84
N MET A 32 -11.94 -6.42 -1.42
CA MET A 32 -10.66 -6.01 -1.98
C MET A 32 -10.81 -5.44 -3.39
N ALA A 33 -12.06 -5.28 -3.84
CA ALA A 33 -12.31 -4.75 -5.17
C ALA A 33 -11.81 -3.30 -5.23
N LEU A 34 -11.88 -2.62 -4.08
CA LEU A 34 -11.43 -1.24 -3.96
C LEU A 34 -9.91 -1.18 -4.11
N ASN A 35 -9.21 -2.07 -3.40
CA ASN A 35 -7.77 -2.12 -3.46
C ASN A 35 -7.36 -2.36 -4.91
N ARG A 36 -8.07 -3.26 -5.58
CA ARG A 36 -7.75 -3.56 -6.98
C ARG A 36 -8.08 -2.39 -7.89
N ASP A 37 -9.11 -1.61 -7.56
CA ASP A 37 -9.45 -0.44 -8.37
C ASP A 37 -8.32 0.58 -8.32
N ILE A 38 -7.76 0.79 -7.13
CA ILE A 38 -6.68 1.77 -6.94
C ILE A 38 -5.46 1.40 -7.78
N VAL A 39 -5.12 0.11 -7.82
CA VAL A 39 -3.97 -0.33 -8.60
C VAL A 39 -4.25 -0.04 -10.08
N VAL A 40 -5.45 -0.41 -10.53
CA VAL A 40 -5.84 -0.18 -11.92
C VAL A 40 -5.66 1.29 -12.29
N VAL A 41 -6.16 2.19 -11.44
CA VAL A 41 -6.03 3.63 -11.71
C VAL A 41 -4.56 4.04 -11.83
N LEU A 42 -3.74 3.60 -10.87
CA LEU A 42 -2.31 3.93 -10.87
C LEU A 42 -1.60 3.42 -12.13
N LEU A 43 -1.88 2.17 -12.50
CA LEU A 43 -1.25 1.60 -13.68
C LEU A 43 -1.62 2.35 -14.96
N ASN A 44 -2.76 3.02 -14.97
CA ASN A 44 -3.16 3.78 -16.14
C ASN A 44 -2.43 5.13 -16.18
N ILE A 45 -1.74 5.46 -15.08
CA ILE A 45 -0.99 6.70 -15.00
C ILE A 45 0.48 6.41 -15.28
N LEU A 46 1.00 5.35 -14.68
CA LEU A 46 2.40 4.95 -14.84
C LEU A 46 2.71 4.13 -16.10
N ASN A 47 1.71 3.42 -16.62
CA ASN A 47 1.88 2.63 -17.84
C ASN A 47 2.95 1.53 -17.83
N PRO A 48 3.02 0.72 -16.76
CA PRO A 48 4.06 -0.33 -16.76
C PRO A 48 3.75 -1.37 -17.84
N LYS A 49 4.77 -1.82 -18.57
CA LYS A 49 4.57 -2.80 -19.65
C LYS A 49 4.49 -4.25 -19.19
N ILE A 50 5.48 -4.69 -18.42
CA ILE A 50 5.53 -6.06 -17.92
C ILE A 50 5.17 -6.04 -16.44
N VAL A 51 4.06 -6.69 -16.08
CA VAL A 51 3.60 -6.70 -14.70
C VAL A 51 3.36 -8.09 -14.14
N LEU A 52 3.51 -8.20 -12.82
CA LEU A 52 3.34 -9.45 -12.12
C LEU A 52 2.35 -9.39 -10.96
N ASP A 53 1.44 -10.37 -10.94
CA ASP A 53 0.46 -10.52 -9.88
C ASP A 53 0.97 -11.79 -9.18
N ALA A 54 1.94 -11.59 -8.28
CA ALA A 54 2.64 -12.66 -7.54
C ALA A 54 1.80 -13.75 -6.86
N LEU A 55 0.70 -13.37 -6.23
CA LEU A 55 -0.21 -14.32 -5.56
C LEU A 55 -1.62 -13.95 -6.03
N SER A 56 -2.06 -14.52 -7.14
CA SER A 56 -3.35 -14.17 -7.72
C SER A 56 -4.63 -14.92 -7.33
N ALA A 57 -4.50 -16.07 -6.69
CA ALA A 57 -5.66 -16.86 -6.29
C ALA A 57 -6.59 -17.15 -7.46
N THR A 58 -7.65 -16.37 -7.61
CA THR A 58 -8.58 -16.58 -8.72
C THR A 58 -8.05 -15.97 -10.01
N GLY A 59 -7.10 -15.06 -9.87
CA GLY A 59 -6.50 -14.40 -11.01
C GLY A 59 -7.13 -13.05 -11.30
N ILE A 60 -8.11 -12.66 -10.50
CA ILE A 60 -8.83 -11.40 -10.70
C ILE A 60 -7.96 -10.16 -10.86
N ARG A 61 -6.91 -10.04 -10.05
CA ARG A 61 -6.04 -8.87 -10.13
C ARG A 61 -5.36 -8.79 -11.49
N GLY A 62 -4.65 -9.86 -11.87
CA GLY A 62 -3.96 -9.89 -13.14
C GLY A 62 -4.89 -9.77 -14.33
N ILE A 63 -6.06 -10.38 -14.23
CA ILE A 63 -7.04 -10.30 -15.32
C ILE A 63 -7.46 -8.86 -15.52
N ARG A 64 -7.69 -8.14 -14.43
CA ARG A 64 -8.09 -6.75 -14.53
C ARG A 64 -6.91 -5.89 -15.03
N PHE A 65 -5.69 -6.28 -14.67
CA PHE A 65 -4.52 -5.54 -15.14
C PHE A 65 -4.53 -5.60 -16.67
N ALA A 66 -4.77 -6.80 -17.20
CA ALA A 66 -4.80 -7.04 -18.64
C ALA A 66 -5.97 -6.34 -19.33
N LEU A 67 -7.15 -6.38 -18.71
CA LEU A 67 -8.35 -5.76 -19.28
C LEU A 67 -8.50 -4.25 -19.10
N GLU A 68 -8.04 -3.74 -17.96
CA GLU A 68 -8.22 -2.32 -17.67
C GLU A 68 -7.01 -1.40 -17.68
N THR A 69 -5.82 -1.91 -18.01
CA THR A 69 -4.63 -1.06 -18.00
C THR A 69 -3.78 -1.27 -19.25
N PRO A 70 -2.79 -0.39 -19.47
CA PRO A 70 -1.90 -0.47 -20.64
C PRO A 70 -0.85 -1.60 -20.59
N ALA A 71 -0.82 -2.37 -19.51
CA ALA A 71 0.16 -3.45 -19.39
C ALA A 71 0.06 -4.37 -20.61
N GLU A 72 1.22 -4.71 -21.19
CA GLU A 72 1.27 -5.56 -22.39
C GLU A 72 1.51 -7.04 -22.09
N GLU A 73 2.24 -7.32 -21.02
CA GLU A 73 2.54 -8.69 -20.64
C GLU A 73 2.16 -8.85 -19.17
N VAL A 74 1.19 -9.72 -18.90
CA VAL A 74 0.71 -9.92 -17.55
C VAL A 74 0.95 -11.33 -17.04
N TRP A 75 1.62 -11.42 -15.90
CA TRP A 75 1.92 -12.70 -15.28
C TRP A 75 1.03 -12.97 -14.06
N LEU A 76 0.41 -14.15 -14.02
CA LEU A 76 -0.42 -14.53 -12.90
C LEU A 76 0.25 -15.73 -12.27
N ASN A 77 0.37 -15.73 -10.95
CA ASN A 77 1.04 -16.81 -10.25
C ASN A 77 0.42 -17.20 -8.90
N ASP A 78 0.42 -18.50 -8.62
CA ASP A 78 -0.07 -19.02 -7.36
C ASP A 78 0.51 -20.41 -7.14
N ILE A 79 0.81 -20.70 -5.88
CA ILE A 79 1.39 -21.99 -5.53
C ILE A 79 0.33 -23.09 -5.47
N SER A 80 -0.93 -22.70 -5.29
CA SER A 80 -2.01 -23.66 -5.20
C SER A 80 -2.44 -24.23 -6.54
N GLU A 81 -2.53 -25.55 -6.61
CA GLU A 81 -2.96 -26.25 -7.82
C GLU A 81 -4.38 -25.80 -8.19
N ASP A 82 -5.24 -25.72 -7.19
CA ASP A 82 -6.63 -25.30 -7.39
C ASP A 82 -6.70 -23.89 -7.94
N ALA A 83 -5.93 -22.99 -7.35
CA ALA A 83 -5.90 -21.60 -7.80
C ALA A 83 -5.42 -21.54 -9.25
N TYR A 84 -4.38 -22.29 -9.55
CA TYR A 84 -3.82 -22.33 -10.91
C TYR A 84 -4.89 -22.73 -11.93
N GLU A 85 -5.59 -23.83 -11.68
CA GLU A 85 -6.62 -24.29 -12.60
C GLU A 85 -7.72 -23.25 -12.78
N LEU A 86 -8.10 -22.58 -11.69
CA LEU A 86 -9.15 -21.57 -11.76
C LEU A 86 -8.63 -20.36 -12.54
N MET A 87 -7.35 -20.04 -12.36
CA MET A 87 -6.74 -18.92 -13.06
C MET A 87 -6.83 -19.11 -14.59
N LYS A 88 -6.49 -20.30 -15.05
CA LYS A 88 -6.55 -20.57 -16.49
C LYS A 88 -7.98 -20.45 -17.00
N ARG A 89 -8.93 -20.94 -16.20
CA ARG A 89 -10.32 -20.90 -16.58
C ARG A 89 -10.86 -19.46 -16.67
N ASN A 90 -10.59 -18.65 -15.65
CA ASN A 90 -11.07 -17.28 -15.65
C ASN A 90 -10.40 -16.42 -16.72
N VAL A 91 -9.14 -16.71 -17.02
CA VAL A 91 -8.44 -15.95 -18.05
C VAL A 91 -9.15 -16.22 -19.38
N MET A 92 -9.35 -17.50 -19.68
CA MET A 92 -10.01 -17.88 -20.92
C MET A 92 -11.48 -17.49 -20.93
N LEU A 93 -11.97 -17.02 -19.79
CA LEU A 93 -13.35 -16.58 -19.69
C LEU A 93 -13.44 -15.12 -20.13
N ASN A 94 -12.29 -14.43 -20.11
CA ASN A 94 -12.22 -13.03 -20.49
C ASN A 94 -11.45 -12.80 -21.78
N PHE A 95 -10.74 -13.81 -22.24
CA PHE A 95 -9.95 -13.72 -23.46
C PHE A 95 -10.21 -14.88 -24.40
N ASP A 96 -10.03 -14.63 -25.71
CA ASP A 96 -10.23 -15.66 -26.71
C ASP A 96 -8.87 -16.25 -27.05
N GLY A 97 -8.87 -17.29 -27.89
CA GLY A 97 -7.61 -17.91 -28.26
C GLY A 97 -7.37 -19.24 -27.55
N GLU A 98 -6.24 -19.86 -27.86
CA GLU A 98 -5.88 -21.13 -27.27
C GLU A 98 -4.78 -20.87 -26.24
N LEU A 99 -4.96 -21.43 -25.05
CA LEU A 99 -3.98 -21.26 -23.97
C LEU A 99 -3.01 -22.44 -23.99
N ARG A 100 -1.81 -22.22 -24.51
CA ARG A 100 -0.80 -23.28 -24.58
C ARG A 100 -0.23 -23.55 -23.19
N GLU A 101 -0.30 -24.80 -22.74
CA GLU A 101 0.22 -25.15 -21.42
C GLU A 101 1.31 -26.20 -21.42
N SER A 102 2.30 -26.01 -20.55
CA SER A 102 3.42 -26.93 -20.42
C SER A 102 4.06 -26.83 -19.03
N LYS A 103 3.87 -27.87 -18.24
CA LYS A 103 4.43 -27.97 -16.89
C LYS A 103 4.12 -26.82 -15.93
N GLY A 104 2.86 -26.68 -15.54
CA GLY A 104 2.48 -25.63 -14.61
C GLY A 104 2.65 -24.21 -15.14
N ARG A 105 2.66 -24.07 -16.45
CA ARG A 105 2.81 -22.77 -17.09
C ARG A 105 1.94 -22.72 -18.36
N ALA A 106 1.04 -21.75 -18.43
CA ALA A 106 0.16 -21.60 -19.57
C ALA A 106 0.32 -20.20 -20.12
N ILE A 107 0.40 -20.07 -21.44
CA ILE A 107 0.60 -18.75 -22.05
C ILE A 107 -0.33 -18.47 -23.22
N LEU A 108 -0.82 -17.24 -23.27
CA LEU A 108 -1.71 -16.79 -24.34
C LEU A 108 -1.04 -15.59 -24.98
N LYS A 109 -0.76 -15.69 -26.28
CA LYS A 109 -0.10 -14.57 -26.97
C LYS A 109 -1.06 -13.78 -27.87
N GLY A 110 -1.93 -12.99 -27.24
CA GLY A 110 -2.88 -12.18 -27.99
C GLY A 110 -2.48 -10.73 -27.96
N GLU A 111 -3.46 -9.82 -27.97
CA GLU A 111 -3.12 -8.40 -27.91
C GLU A 111 -2.30 -8.20 -26.64
N LYS A 112 -2.70 -8.89 -25.59
CA LYS A 112 -2.02 -8.86 -24.31
C LYS A 112 -1.41 -10.24 -24.14
N THR A 113 -0.18 -10.33 -23.68
CA THR A 113 0.42 -11.64 -23.45
C THR A 113 0.15 -11.96 -21.99
N ILE A 114 -0.49 -13.10 -21.75
CA ILE A 114 -0.82 -13.50 -20.41
C ILE A 114 -0.10 -14.80 -20.05
N VAL A 115 0.63 -14.76 -18.94
CA VAL A 115 1.38 -15.91 -18.49
C VAL A 115 0.85 -16.37 -17.14
N ILE A 116 0.36 -17.60 -17.11
CA ILE A 116 -0.21 -18.17 -15.90
C ILE A 116 0.78 -19.21 -15.37
N ASN A 117 1.21 -19.02 -14.13
CA ASN A 117 2.19 -19.91 -13.54
C ASN A 117 1.74 -20.57 -12.25
N HIS A 118 2.14 -21.82 -12.07
CA HIS A 118 1.83 -22.59 -10.86
C HIS A 118 3.17 -22.74 -10.16
N ASP A 119 3.42 -21.95 -9.12
CA ASP A 119 4.71 -22.04 -8.46
C ASP A 119 4.81 -21.13 -7.23
N ASP A 120 5.92 -21.27 -6.52
CA ASP A 120 6.19 -20.45 -5.35
C ASP A 120 6.54 -19.09 -5.94
N ALA A 121 5.93 -18.03 -5.43
CA ALA A 121 6.19 -16.68 -5.91
C ALA A 121 7.69 -16.37 -5.84
N ASN A 122 8.34 -16.83 -4.77
CA ASN A 122 9.78 -16.59 -4.61
C ASN A 122 10.60 -17.27 -5.69
N ARG A 123 10.14 -18.44 -6.14
CA ARG A 123 10.87 -19.16 -7.17
C ARG A 123 10.71 -18.47 -8.52
N LEU A 124 9.48 -18.08 -8.84
CA LEU A 124 9.20 -17.38 -10.09
C LEU A 124 9.97 -16.05 -10.18
N MET A 125 9.89 -15.26 -9.13
CA MET A 125 10.57 -13.96 -9.11
C MET A 125 12.07 -14.10 -9.20
N ALA A 126 12.63 -15.18 -8.63
CA ALA A 126 14.08 -15.41 -8.69
C ALA A 126 14.47 -15.77 -10.13
N GLU A 127 13.58 -16.43 -10.84
CA GLU A 127 13.85 -16.78 -12.23
C GLU A 127 13.79 -15.52 -13.12
N ARG A 128 12.85 -14.62 -12.81
CA ARG A 128 12.69 -13.38 -13.57
C ARG A 128 13.43 -12.23 -12.88
N HIS A 129 14.75 -12.31 -12.89
CA HIS A 129 15.61 -11.30 -12.28
C HIS A 129 15.57 -9.99 -13.07
N ARG A 130 15.30 -8.88 -12.38
CA ARG A 130 15.24 -7.57 -13.03
C ARG A 130 14.40 -7.65 -14.30
N TYR A 131 13.16 -8.12 -14.16
CA TYR A 131 12.30 -8.30 -15.31
C TYR A 131 11.01 -7.48 -15.36
N PHE A 132 10.34 -7.35 -14.23
CA PHE A 132 9.07 -6.63 -14.20
C PHE A 132 9.12 -5.12 -13.94
N HIS A 133 8.29 -4.39 -14.67
CA HIS A 133 8.17 -2.95 -14.51
C HIS A 133 7.29 -2.72 -13.28
N PHE A 134 6.45 -3.69 -12.96
CA PHE A 134 5.57 -3.57 -11.80
C PHE A 134 5.23 -4.93 -11.20
N ILE A 135 5.37 -5.01 -9.89
CA ILE A 135 5.05 -6.23 -9.16
C ILE A 135 4.04 -5.89 -8.07
N ASP A 136 3.00 -6.69 -7.96
CA ASP A 136 1.99 -6.46 -6.94
C ASP A 136 2.02 -7.66 -5.98
N LEU A 137 2.39 -7.37 -4.73
CA LEU A 137 2.45 -8.40 -3.71
C LEU A 137 1.23 -8.26 -2.81
N ASP A 138 0.25 -9.13 -3.00
CA ASP A 138 -0.97 -9.10 -2.20
C ASP A 138 -1.17 -10.44 -1.48
N PRO A 139 -0.45 -10.66 -0.38
CA PRO A 139 -0.56 -11.91 0.36
C PRO A 139 -1.65 -11.91 1.44
N PHE A 140 -1.87 -13.07 2.03
CA PHE A 140 -2.83 -13.20 3.10
C PHE A 140 -1.98 -13.01 4.36
N GLY A 141 -1.89 -11.78 4.83
CA GLY A 141 -1.09 -11.49 6.01
C GLY A 141 0.10 -10.61 5.66
N SER A 142 1.29 -11.08 6.05
CA SER A 142 2.52 -10.34 5.81
C SER A 142 3.15 -10.65 4.45
N PRO A 143 3.76 -9.63 3.82
CA PRO A 143 4.42 -9.80 2.52
C PRO A 143 5.93 -9.96 2.66
N MET A 144 6.41 -9.94 3.90
CA MET A 144 7.84 -10.03 4.19
C MET A 144 8.62 -11.21 3.65
N GLU A 145 7.99 -12.38 3.49
CA GLU A 145 8.70 -13.54 2.96
C GLU A 145 8.94 -13.43 1.45
N PHE A 146 8.31 -12.43 0.81
CA PHE A 146 8.44 -12.24 -0.63
C PHE A 146 9.14 -10.95 -1.02
N LEU A 147 9.25 -10.02 -0.07
CA LEU A 147 9.84 -8.72 -0.32
C LEU A 147 11.23 -8.68 -0.94
N ASP A 148 12.19 -9.37 -0.31
CA ASP A 148 13.55 -9.35 -0.81
C ASP A 148 13.67 -9.82 -2.26
N THR A 149 12.95 -10.90 -2.60
CA THR A 149 13.02 -11.41 -3.96
C THR A 149 12.30 -10.48 -4.93
N ALA A 150 11.24 -9.82 -4.47
CA ALA A 150 10.53 -8.90 -5.36
C ALA A 150 11.45 -7.72 -5.70
N LEU A 151 12.30 -7.34 -4.74
CA LEU A 151 13.22 -6.24 -4.94
C LEU A 151 14.35 -6.57 -5.90
N ARG A 152 14.44 -7.85 -6.29
CA ARG A 152 15.44 -8.30 -7.24
C ARG A 152 14.80 -8.66 -8.58
N SER A 153 13.50 -8.96 -8.54
CA SER A 153 12.74 -9.34 -9.71
C SER A 153 12.26 -8.12 -10.49
N ALA A 154 12.08 -7.01 -9.78
CA ALA A 154 11.62 -5.78 -10.42
C ALA A 154 12.82 -5.10 -11.07
N LYS A 155 12.57 -4.30 -12.10
CA LYS A 155 13.63 -3.55 -12.77
C LYS A 155 14.18 -2.58 -11.71
N ARG A 156 15.40 -2.10 -11.92
CA ARG A 156 16.02 -1.18 -10.97
C ARG A 156 15.26 0.15 -10.89
N ARG A 157 14.32 0.33 -11.82
CA ARG A 157 13.50 1.53 -11.84
C ARG A 157 12.03 1.11 -11.89
N GLY A 158 11.77 -0.12 -11.45
CA GLY A 158 10.41 -0.64 -11.45
C GLY A 158 9.55 -0.11 -10.33
N ILE A 159 8.31 -0.58 -10.29
CA ILE A 159 7.37 -0.15 -9.28
C ILE A 159 6.96 -1.37 -8.46
N LEU A 160 6.82 -1.15 -7.17
CA LEU A 160 6.45 -2.23 -6.29
C LEU A 160 5.16 -1.86 -5.58
N GLY A 161 4.17 -2.73 -5.69
CA GLY A 161 2.91 -2.51 -5.01
C GLY A 161 2.92 -3.52 -3.89
N VAL A 162 2.91 -3.07 -2.64
CA VAL A 162 2.96 -3.98 -1.52
C VAL A 162 1.78 -3.84 -0.57
N THR A 163 1.24 -4.97 -0.14
CA THR A 163 0.13 -4.98 0.80
C THR A 163 0.48 -5.79 2.04
N ALA A 164 -0.06 -5.37 3.17
CA ALA A 164 0.13 -6.06 4.44
C ALA A 164 -1.25 -6.05 5.09
N THR A 165 -1.78 -7.22 5.42
CA THR A 165 -3.10 -7.31 6.03
C THR A 165 -3.06 -7.63 7.52
N ASP A 166 -1.86 -7.77 8.09
CA ASP A 166 -1.75 -8.06 9.51
C ASP A 166 -1.48 -6.79 10.29
N GLY A 167 -2.56 -6.07 10.59
CA GLY A 167 -2.45 -4.83 11.33
C GLY A 167 -2.12 -5.06 12.79
N ALA A 168 -2.29 -6.28 13.28
CA ALA A 168 -1.99 -6.58 14.67
C ALA A 168 -0.55 -6.16 15.00
N PRO A 169 0.44 -6.71 14.27
CA PRO A 169 1.81 -6.30 14.57
C PRO A 169 2.12 -4.87 14.13
N LEU A 170 1.58 -4.45 12.98
CA LEU A 170 1.85 -3.10 12.48
C LEU A 170 1.22 -1.99 13.33
N CYS A 171 0.07 -2.27 13.94
CA CYS A 171 -0.59 -1.27 14.77
C CYS A 171 -0.17 -1.37 16.24
N GLY A 172 0.72 -2.30 16.54
CA GLY A 172 1.21 -2.45 17.89
C GLY A 172 0.61 -3.51 18.82
N ALA A 173 -0.49 -4.15 18.43
CA ALA A 173 -1.08 -5.17 19.28
C ALA A 173 -0.12 -6.35 19.53
N HIS A 174 0.60 -6.76 18.48
CA HIS A 174 1.58 -7.84 18.60
C HIS A 174 2.97 -7.26 18.37
N PRO A 175 3.54 -6.63 19.41
CA PRO A 175 4.87 -5.99 19.37
C PRO A 175 5.97 -6.96 18.95
N ARG A 176 6.05 -8.10 19.62
CA ARG A 176 7.06 -9.11 19.32
C ARG A 176 7.06 -9.52 17.86
N ALA A 177 5.88 -9.80 17.32
CA ALA A 177 5.74 -10.19 15.92
C ALA A 177 6.19 -9.06 14.99
N CYS A 178 5.93 -7.82 15.38
CA CYS A 178 6.32 -6.69 14.55
C CYS A 178 7.82 -6.60 14.43
N LEU A 179 8.53 -6.84 15.53
CA LEU A 179 9.98 -6.79 15.50
C LEU A 179 10.54 -7.88 14.62
N ARG A 180 9.93 -9.07 14.71
CA ARG A 180 10.39 -10.21 13.93
C ARG A 180 10.17 -10.01 12.44
N LYS A 181 8.95 -9.59 12.07
CA LYS A 181 8.60 -9.40 10.67
C LYS A 181 9.10 -8.11 10.03
N TYR A 182 8.90 -6.99 10.73
CA TYR A 182 9.27 -5.68 10.20
C TYR A 182 10.52 -5.03 10.77
N LEU A 183 11.13 -5.65 11.78
CA LEU A 183 12.35 -5.10 12.38
C LEU A 183 12.15 -3.63 12.78
N ALA A 184 11.02 -3.38 13.44
CA ALA A 184 10.68 -2.04 13.91
C ALA A 184 9.82 -2.15 15.17
N VAL A 185 9.94 -1.15 16.04
CA VAL A 185 9.15 -1.11 17.28
C VAL A 185 7.87 -0.34 16.94
N PRO A 186 6.71 -1.01 17.02
CA PRO A 186 5.41 -0.40 16.71
C PRO A 186 4.83 0.48 17.82
N LEU A 187 4.02 1.46 17.42
CA LEU A 187 3.37 2.38 18.34
C LEU A 187 1.85 2.16 18.34
N ARG A 188 1.30 1.83 19.50
CA ARG A 188 -0.15 1.63 19.63
C ARG A 188 -0.84 2.97 19.77
N GLY A 189 -2.16 2.97 19.65
CA GLY A 189 -2.91 4.21 19.80
C GLY A 189 -3.49 4.83 18.54
N GLU A 190 -3.90 6.08 18.67
CA GLU A 190 -4.52 6.83 17.59
C GLU A 190 -3.65 6.99 16.35
N LEU A 191 -2.34 6.93 16.50
CA LEU A 191 -1.42 7.09 15.37
C LEU A 191 -0.99 5.80 14.69
N CYS A 192 -1.42 4.66 15.22
CA CYS A 192 -0.99 3.37 14.68
C CYS A 192 -1.24 3.07 13.21
N HIS A 193 -2.32 3.60 12.65
CA HIS A 193 -2.60 3.35 11.24
C HIS A 193 -1.51 4.00 10.37
N GLU A 194 -1.04 5.18 10.77
CA GLU A 194 -0.01 5.84 9.98
C GLU A 194 1.36 5.25 10.30
N VAL A 195 1.65 5.03 11.57
CA VAL A 195 2.95 4.46 11.94
C VAL A 195 3.13 3.11 11.26
N GLY A 196 2.06 2.31 11.23
CA GLY A 196 2.11 1.02 10.58
C GLY A 196 2.43 1.17 9.10
N THR A 197 1.86 2.19 8.47
CA THR A 197 2.09 2.48 7.05
C THR A 197 3.55 2.90 6.84
N ARG A 198 4.06 3.74 7.73
CA ARG A 198 5.43 4.23 7.63
C ARG A 198 6.45 3.13 7.94
N ILE A 199 6.03 2.13 8.71
CA ILE A 199 6.90 1.00 9.04
C ILE A 199 7.04 0.13 7.79
N LEU A 200 5.92 -0.07 7.09
CA LEU A 200 5.89 -0.87 5.88
C LEU A 200 6.82 -0.22 4.84
N VAL A 201 6.63 1.07 4.60
CA VAL A 201 7.44 1.80 3.64
C VAL A 201 8.91 1.76 4.05
N GLY A 202 9.15 1.95 5.35
CA GLY A 202 10.50 1.94 5.87
C GLY A 202 11.21 0.61 5.74
N VAL A 203 10.49 -0.50 5.84
CA VAL A 203 11.13 -1.81 5.73
C VAL A 203 11.48 -2.10 4.27
N ILE A 204 10.65 -1.58 3.36
CA ILE A 204 10.88 -1.75 1.93
C ILE A 204 12.17 -0.96 1.59
N ALA A 205 12.27 0.25 2.13
CA ALA A 205 13.44 1.09 1.88
C ALA A 205 14.71 0.46 2.43
N ARG A 206 14.64 -0.12 3.62
CA ARG A 206 15.81 -0.76 4.22
C ARG A 206 16.28 -1.98 3.45
N TYR A 207 15.34 -2.84 3.03
CA TYR A 207 15.69 -4.05 2.26
C TYR A 207 16.23 -3.69 0.88
N ALA A 208 15.75 -2.60 0.32
CA ALA A 208 16.15 -2.16 -1.00
C ALA A 208 17.59 -1.63 -1.07
N ALA A 209 18.03 -1.00 0.01
CA ALA A 209 19.35 -0.40 0.06
C ALA A 209 20.53 -1.28 -0.36
N LYS A 210 20.57 -2.54 0.07
CA LYS A 210 21.71 -3.39 -0.28
C LYS A 210 21.91 -3.59 -1.80
N TYR A 211 20.86 -3.38 -2.59
CA TYR A 211 20.99 -3.54 -4.03
C TYR A 211 21.33 -2.20 -4.67
N ASP A 212 21.77 -1.26 -3.84
CA ASP A 212 22.10 0.08 -4.31
C ASP A 212 20.88 0.70 -4.98
N LEU A 213 19.75 0.61 -4.29
CA LEU A 213 18.49 1.17 -4.78
C LEU A 213 17.86 2.01 -3.69
N GLY A 214 17.17 3.07 -4.10
CA GLY A 214 16.46 3.93 -3.17
C GLY A 214 14.99 3.85 -3.56
N ILE A 215 14.14 4.60 -2.88
CA ILE A 215 12.72 4.59 -3.22
C ILE A 215 12.09 5.97 -3.15
N ASP A 216 11.03 6.14 -3.93
CA ASP A 216 10.24 7.36 -3.91
C ASP A 216 8.85 6.79 -3.71
N VAL A 217 8.14 7.23 -2.68
CA VAL A 217 6.82 6.73 -2.46
C VAL A 217 5.88 7.39 -3.46
N ILE A 218 5.13 6.57 -4.18
CA ILE A 218 4.17 7.08 -5.15
C ILE A 218 2.88 7.33 -4.37
N LEU A 219 2.49 6.34 -3.57
CA LEU A 219 1.28 6.39 -2.76
C LEU A 219 1.30 5.28 -1.71
N ALA A 220 1.07 5.67 -0.46
CA ALA A 220 1.06 4.71 0.63
C ALA A 220 -0.10 5.11 1.52
N TYR A 221 -1.00 4.17 1.80
CA TYR A 221 -2.15 4.50 2.62
C TYR A 221 -2.64 3.33 3.44
N TYR A 222 -3.59 3.62 4.33
CA TYR A 222 -4.19 2.62 5.18
C TYR A 222 -5.68 2.62 4.85
N LYS A 223 -6.30 1.44 4.89
CA LYS A 223 -7.72 1.34 4.60
C LYS A 223 -8.31 0.02 5.06
N ASP A 224 -9.34 0.10 5.90
CA ASP A 224 -10.04 -1.04 6.43
C ASP A 224 -9.14 -2.20 6.88
N HIS A 225 -8.22 -1.91 7.80
CA HIS A 225 -7.33 -2.91 8.36
C HIS A 225 -6.24 -3.54 7.49
N TYR A 226 -5.85 -2.85 6.43
CA TYR A 226 -4.77 -3.35 5.57
C TYR A 226 -3.95 -2.15 5.13
N PHE A 227 -2.65 -2.37 4.92
CA PHE A 227 -1.75 -1.31 4.51
C PHE A 227 -1.29 -1.53 3.08
N ARG A 228 -1.17 -0.43 2.34
CA ARG A 228 -0.77 -0.46 0.94
C ARG A 228 0.36 0.52 0.68
N ALA A 229 1.38 0.07 -0.05
CA ALA A 229 2.50 0.93 -0.36
C ALA A 229 2.95 0.75 -1.80
N PHE A 230 2.87 1.82 -2.56
CA PHE A 230 3.32 1.80 -3.95
C PHE A 230 4.61 2.59 -3.98
N VAL A 231 5.70 1.94 -4.37
CA VAL A 231 6.99 2.61 -4.40
C VAL A 231 7.67 2.51 -5.76
N LYS A 232 8.46 3.53 -6.05
CA LYS A 232 9.20 3.60 -7.30
C LYS A 232 10.67 3.41 -6.90
N LEU A 233 11.30 2.39 -7.47
CA LEU A 233 12.70 2.12 -7.16
C LEU A 233 13.61 3.12 -7.88
N LYS A 234 14.62 3.61 -7.15
CA LYS A 234 15.59 4.56 -7.69
C LYS A 234 16.90 3.80 -7.82
N ASP A 235 17.54 3.92 -8.99
CA ASP A 235 18.77 3.21 -9.28
C ASP A 235 20.05 3.97 -8.93
N GLY A 236 20.81 3.45 -7.95
CA GLY A 236 22.05 4.10 -7.56
C GLY A 236 22.37 4.09 -6.07
N ALA A 237 23.66 3.90 -5.76
CA ALA A 237 24.13 3.87 -4.38
C ALA A 237 23.73 5.15 -3.62
N ARG A 238 23.94 6.31 -4.25
CA ARG A 238 23.60 7.58 -3.62
C ARG A 238 22.09 7.68 -3.42
N LYS A 239 21.33 7.09 -4.33
CA LYS A 239 19.87 7.09 -4.23
C LYS A 239 19.51 6.32 -2.96
N GLY A 240 20.21 5.21 -2.74
CA GLY A 240 19.98 4.39 -1.56
C GLY A 240 20.41 5.10 -0.30
N ASP A 241 21.47 5.89 -0.38
CA ASP A 241 21.96 6.62 0.78
C ASP A 241 20.92 7.67 1.19
N GLU A 242 20.42 8.42 0.21
CA GLU A 242 19.42 9.46 0.46
C GLU A 242 18.10 8.87 0.96
N THR A 243 17.80 7.64 0.53
CA THR A 243 16.57 7.00 0.96
C THR A 243 16.67 6.66 2.45
N LEU A 244 17.80 6.08 2.86
CA LEU A 244 18.00 5.73 4.26
C LEU A 244 18.03 6.98 5.14
N GLU A 245 18.40 8.11 4.56
CA GLU A 245 18.45 9.37 5.29
C GLU A 245 17.05 9.88 5.60
N LYS A 246 16.03 9.28 4.98
CA LYS A 246 14.67 9.71 5.24
C LYS A 246 14.00 8.86 6.31
N LEU A 247 14.73 7.87 6.82
CA LEU A 247 14.21 7.01 7.89
C LEU A 247 14.31 7.82 9.18
N GLY A 248 13.59 7.39 10.20
CA GLY A 248 13.63 8.11 11.46
C GLY A 248 12.85 7.40 12.54
N TYR A 249 12.71 8.07 13.68
CA TYR A 249 11.99 7.51 14.80
C TYR A 249 10.98 8.49 15.36
N ILE A 250 10.02 7.94 16.10
CA ILE A 250 8.96 8.72 16.72
C ILE A 250 8.96 8.53 18.23
N TYR A 251 8.70 9.62 18.94
CA TYR A 251 8.65 9.61 20.40
C TYR A 251 7.22 10.05 20.70
N PHE A 252 6.56 9.32 21.58
CA PHE A 252 5.18 9.61 21.92
C PHE A 252 4.96 9.73 23.43
N ASP A 253 4.36 10.83 23.85
CA ASP A 253 4.09 11.06 25.27
C ASP A 253 2.64 10.60 25.48
N ASP A 254 2.46 9.44 26.10
CA ASP A 254 1.10 8.93 26.29
C ASP A 254 0.23 9.73 27.27
N LYS A 255 0.81 10.72 27.94
CA LYS A 255 0.04 11.54 28.85
C LYS A 255 -0.57 12.77 28.18
N THR A 256 -0.06 13.10 26.99
CA THR A 256 -0.54 14.28 26.26
C THR A 256 -0.89 14.05 24.79
N GLY A 257 -0.30 13.02 24.18
CA GLY A 257 -0.57 12.76 22.78
C GLY A 257 0.40 13.54 21.91
N LYS A 258 1.38 14.16 22.54
CA LYS A 258 2.37 14.92 21.80
C LYS A 258 3.42 13.96 21.24
N PHE A 259 3.81 14.17 19.99
CA PHE A 259 4.82 13.32 19.38
C PHE A 259 6.04 14.16 19.05
N GLU A 260 7.17 13.50 18.85
CA GLU A 260 8.40 14.18 18.48
C GLU A 260 8.98 13.34 17.36
N LEU A 261 9.77 13.97 16.50
CA LEU A 261 10.37 13.26 15.38
C LEU A 261 11.90 13.36 15.41
N GLU A 262 12.56 12.26 15.07
CA GLU A 262 14.01 12.26 15.02
C GLU A 262 14.43 11.61 13.72
N GLN A 263 15.12 12.36 12.88
CA GLN A 263 15.57 11.84 11.61
C GLN A 263 16.95 11.21 11.81
N GLY A 264 17.15 10.03 11.23
CA GLY A 264 18.42 9.36 11.37
C GLY A 264 18.24 7.85 11.33
N PHE A 265 19.31 7.13 11.01
CA PHE A 265 19.24 5.68 10.94
C PHE A 265 18.98 5.08 12.31
N LEU A 266 19.53 5.71 13.35
CA LEU A 266 19.35 5.24 14.73
C LEU A 266 18.83 6.34 15.64
N PRO A 267 18.00 5.97 16.64
CA PRO A 267 17.45 6.96 17.57
C PRO A 267 18.53 7.29 18.60
N THR A 268 18.41 8.41 19.28
CA THR A 268 19.40 8.80 20.28
C THR A 268 18.77 9.06 21.65
N ARG A 269 17.52 8.64 21.81
CA ARG A 269 16.82 8.82 23.08
C ARG A 269 15.99 7.60 23.41
N PRO A 270 15.66 7.41 24.68
CA PRO A 270 14.86 6.24 25.06
C PRO A 270 13.40 6.30 24.59
N ASN A 271 12.78 5.13 24.53
CA ASN A 271 11.39 5.01 24.13
C ASN A 271 11.08 5.45 22.70
N ALA A 272 11.99 5.11 21.78
CA ALA A 272 11.80 5.46 20.39
C ALA A 272 10.96 4.38 19.70
N TYR A 273 10.14 4.81 18.74
CA TYR A 273 9.32 3.89 17.97
C TYR A 273 9.88 3.95 16.56
N GLY A 274 9.96 2.79 15.92
CA GLY A 274 10.48 2.74 14.56
C GLY A 274 11.52 1.65 14.40
N PRO A 275 12.39 1.75 13.37
CA PRO A 275 12.40 2.85 12.39
C PRO A 275 11.18 2.95 11.49
N VAL A 276 10.87 4.17 11.07
CA VAL A 276 9.76 4.44 10.18
C VAL A 276 10.23 5.37 9.07
N TRP A 277 9.50 5.36 7.98
CA TRP A 277 9.79 6.25 6.87
C TRP A 277 9.23 7.60 7.30
N LEU A 278 10.06 8.62 7.29
CA LEU A 278 9.62 9.96 7.67
C LEU A 278 9.54 10.87 6.45
N GLY A 279 9.57 10.25 5.27
CA GLY A 279 9.50 11.00 4.04
C GLY A 279 8.06 11.09 3.56
N PRO A 280 7.85 11.53 2.31
CA PRO A 280 6.49 11.65 1.76
C PRO A 280 5.76 10.30 1.69
N LEU A 281 4.45 10.33 1.91
CA LEU A 281 3.65 9.11 1.80
C LEU A 281 2.89 9.13 0.48
N LYS A 282 3.09 10.19 -0.31
CA LYS A 282 2.46 10.30 -1.61
C LYS A 282 3.17 11.25 -2.55
N ASP A 283 3.01 11.00 -3.84
CA ASP A 283 3.56 11.87 -4.87
C ASP A 283 2.34 12.72 -5.24
N GLU A 284 2.34 13.98 -4.83
CA GLU A 284 1.20 14.90 -5.08
C GLU A 284 0.64 14.90 -6.50
N LYS A 285 1.51 15.06 -7.48
CA LYS A 285 1.12 15.11 -8.88
C LYS A 285 0.41 13.84 -9.36
N ILE A 286 0.97 12.68 -9.00
CA ILE A 286 0.39 11.41 -9.41
C ILE A 286 -0.97 11.15 -8.77
N VAL A 287 -1.06 11.38 -7.46
CA VAL A 287 -2.32 11.17 -6.75
C VAL A 287 -3.39 12.11 -7.31
N SER A 288 -2.98 13.32 -7.68
CA SER A 288 -3.89 14.31 -8.24
C SER A 288 -4.43 13.74 -9.55
N LYS A 289 -3.53 13.19 -10.36
CA LYS A 289 -3.91 12.60 -11.64
C LYS A 289 -4.78 11.34 -11.46
N MET A 290 -4.58 10.63 -10.36
CA MET A 290 -5.36 9.42 -10.07
C MET A 290 -6.84 9.75 -9.82
N VAL A 291 -7.08 10.88 -9.18
CA VAL A 291 -8.46 11.31 -8.90
C VAL A 291 -9.17 11.50 -10.22
N LYS A 292 -8.53 12.22 -11.13
CA LYS A 292 -9.06 12.48 -12.46
C LYS A 292 -9.24 11.18 -13.24
N GLU A 293 -8.23 10.33 -13.19
CA GLU A 293 -8.27 9.06 -13.90
C GLU A 293 -9.39 8.18 -13.37
N ALA A 294 -9.50 8.08 -12.05
CA ALA A 294 -10.54 7.26 -11.44
C ALA A 294 -11.91 7.71 -11.94
N GLU A 295 -12.08 9.03 -12.04
CA GLU A 295 -13.35 9.58 -12.49
C GLU A 295 -13.69 9.20 -13.93
N SER A 296 -12.70 9.17 -14.81
CA SER A 296 -12.93 8.82 -16.22
C SER A 296 -12.90 7.32 -16.50
N LEU A 297 -12.81 6.51 -15.46
CA LEU A 297 -12.77 5.06 -15.62
C LEU A 297 -13.95 4.38 -14.94
N SER A 298 -14.32 3.21 -15.45
CA SER A 298 -15.40 2.44 -14.84
C SER A 298 -14.67 1.51 -13.89
N LEU A 299 -15.01 1.60 -12.61
CA LEU A 299 -14.36 0.79 -11.59
C LEU A 299 -15.38 -0.10 -10.87
N ALA A 300 -14.90 -1.04 -10.07
CA ALA A 300 -15.75 -1.95 -9.33
C ALA A 300 -16.44 -1.29 -8.13
N ARG A 301 -15.73 -0.38 -7.48
CA ARG A 301 -16.25 0.35 -6.33
C ARG A 301 -15.86 1.81 -6.57
N LYS A 302 -16.38 2.37 -7.66
CA LYS A 302 -16.04 3.73 -8.04
C LYS A 302 -16.31 4.82 -7.01
N LYS A 303 -17.40 4.72 -6.24
CA LYS A 303 -17.69 5.76 -5.25
C LYS A 303 -16.70 5.71 -4.07
N GLN A 304 -16.39 4.51 -3.60
CA GLN A 304 -15.46 4.34 -2.49
C GLN A 304 -14.04 4.73 -2.90
N ALA A 305 -13.67 4.42 -4.15
CA ALA A 305 -12.34 4.73 -4.65
C ALA A 305 -12.10 6.23 -4.76
N LEU A 306 -13.12 6.95 -5.24
CA LEU A 306 -13.02 8.40 -5.38
C LEU A 306 -13.00 9.05 -4.01
N LYS A 307 -13.81 8.54 -3.09
CA LYS A 307 -13.88 9.09 -1.75
C LYS A 307 -12.52 8.95 -1.05
N LEU A 308 -11.85 7.83 -1.29
CA LEU A 308 -10.55 7.60 -0.68
C LEU A 308 -9.45 8.41 -1.36
N LEU A 309 -9.45 8.42 -2.68
CA LEU A 309 -8.44 9.16 -3.44
C LEU A 309 -8.54 10.68 -3.25
N LYS A 310 -9.77 11.19 -3.15
CA LYS A 310 -9.97 12.63 -2.95
C LYS A 310 -9.46 13.04 -1.58
N MET A 311 -9.74 12.21 -0.57
CA MET A 311 -9.29 12.49 0.78
C MET A 311 -7.77 12.53 0.82
N ILE A 312 -7.15 11.50 0.23
CA ILE A 312 -5.70 11.41 0.20
C ILE A 312 -5.10 12.54 -0.63
N ASP A 313 -5.82 12.96 -1.67
CA ASP A 313 -5.36 14.03 -2.54
C ASP A 313 -5.33 15.38 -1.82
N GLN A 314 -6.33 15.66 -1.01
CA GLN A 314 -6.39 16.94 -0.29
C GLN A 314 -5.66 16.85 1.05
N GLU A 315 -5.34 15.64 1.46
CA GLU A 315 -4.65 15.41 2.72
C GLU A 315 -3.25 15.99 2.71
N LEU A 316 -2.88 16.62 3.83
CA LEU A 316 -1.56 17.20 3.98
C LEU A 316 -0.57 16.03 4.04
N ASP A 317 0.58 16.16 3.37
CA ASP A 317 1.58 15.10 3.40
C ASP A 317 2.64 15.53 4.40
N ILE A 318 2.46 15.13 5.64
CA ILE A 318 3.36 15.49 6.72
C ILE A 318 3.35 14.34 7.73
N PRO A 319 4.48 14.12 8.43
CA PRO A 319 4.51 13.02 9.39
C PRO A 319 3.54 13.14 10.58
N LEU A 320 2.70 12.13 10.73
CA LEU A 320 1.75 12.05 11.82
C LEU A 320 0.66 13.10 11.86
N PHE A 321 -0.12 13.08 12.94
CA PHE A 321 -1.24 14.00 13.09
C PHE A 321 -1.70 14.05 14.54
N TYR A 322 -2.67 14.91 14.81
CA TYR A 322 -3.22 15.03 16.15
C TYR A 322 -4.65 14.53 16.11
N ASP A 323 -4.93 13.53 16.95
CA ASP A 323 -6.25 12.96 17.02
C ASP A 323 -7.03 13.72 18.09
N THR A 324 -8.05 14.45 17.66
CA THR A 324 -8.87 15.26 18.55
C THR A 324 -9.49 14.47 19.72
N HIS A 325 -10.00 13.28 19.42
CA HIS A 325 -10.61 12.46 20.45
C HIS A 325 -9.59 11.93 21.44
N ALA A 326 -8.56 11.25 20.94
CA ALA A 326 -7.52 10.68 21.78
C ALA A 326 -6.82 11.72 22.65
N ILE A 327 -6.43 12.84 22.05
CA ILE A 327 -5.77 13.88 22.82
C ILE A 327 -6.71 14.39 23.91
N GLY A 328 -7.99 14.52 23.57
CA GLY A 328 -8.96 14.95 24.54
C GLY A 328 -8.99 14.02 25.75
N ARG A 329 -8.96 12.71 25.48
CA ARG A 329 -8.96 11.71 26.55
C ARG A 329 -7.68 11.67 27.37
N ARG A 330 -6.53 11.91 26.74
CA ARG A 330 -5.25 11.89 27.45
C ARG A 330 -5.09 13.11 28.36
N LEU A 331 -5.42 14.28 27.84
CA LEU A 331 -5.31 15.53 28.61
C LEU A 331 -6.50 15.74 29.55
N LYS A 332 -7.59 15.01 29.31
CA LYS A 332 -8.80 15.14 30.12
C LYS A 332 -9.40 16.52 29.91
N ILE A 333 -9.63 16.90 28.65
CA ILE A 333 -10.22 18.19 28.34
C ILE A 333 -11.31 17.97 27.31
N GLU A 334 -12.24 18.92 27.22
CA GLU A 334 -13.30 18.85 26.23
C GLU A 334 -12.72 19.47 24.97
N THR A 335 -13.15 18.99 23.81
CA THR A 335 -12.65 19.52 22.55
C THR A 335 -13.74 19.99 21.59
N LYS A 336 -13.34 20.77 20.61
CA LYS A 336 -14.28 21.27 19.60
C LYS A 336 -14.38 20.24 18.48
N LYS A 337 -15.30 20.48 17.55
CA LYS A 337 -15.47 19.56 16.42
C LYS A 337 -14.29 19.71 15.45
N VAL A 338 -14.05 18.66 14.68
CA VAL A 338 -12.95 18.65 13.72
C VAL A 338 -13.01 19.81 12.72
N GLU A 339 -14.17 20.04 12.13
CA GLU A 339 -14.31 21.11 11.14
C GLU A 339 -14.04 22.48 11.75
N GLU A 340 -14.43 22.65 13.01
CA GLU A 340 -14.23 23.92 13.70
C GLU A 340 -12.74 24.15 13.98
N ILE A 341 -12.04 23.06 14.29
CA ILE A 341 -10.61 23.13 14.59
C ILE A 341 -9.79 23.42 13.33
N ILE A 342 -10.15 22.78 12.22
CA ILE A 342 -9.42 23.01 10.98
C ILE A 342 -9.59 24.46 10.54
N SER A 343 -10.83 24.94 10.57
CA SER A 343 -11.10 26.33 10.18
C SER A 343 -10.31 27.28 11.04
N ALA A 344 -10.30 27.04 12.35
CA ALA A 344 -9.58 27.89 13.30
C ALA A 344 -8.08 27.89 13.04
N LEU A 345 -7.52 26.73 12.73
CA LEU A 345 -6.09 26.60 12.45
C LEU A 345 -5.70 27.34 11.19
N ARG A 346 -6.52 27.23 10.15
CA ARG A 346 -6.26 27.91 8.88
C ARG A 346 -6.29 29.43 9.07
N GLU A 347 -7.26 29.92 9.84
CA GLU A 347 -7.37 31.35 10.08
C GLU A 347 -6.13 31.92 10.75
N GLN A 348 -5.38 31.09 11.46
CA GLN A 348 -4.17 31.53 12.13
C GLN A 348 -2.92 31.35 11.25
N GLY A 349 -3.14 30.93 10.02
CA GLY A 349 -2.04 30.76 9.08
C GLY A 349 -1.40 29.39 9.01
N TYR A 350 -2.03 28.37 9.58
CA TYR A 350 -1.46 27.03 9.54
C TYR A 350 -2.20 26.09 8.59
N GLU A 351 -1.44 25.24 7.91
CA GLU A 351 -2.03 24.25 7.01
C GLU A 351 -2.73 23.26 7.92
N ALA A 352 -3.93 22.83 7.54
CA ALA A 352 -4.67 21.87 8.34
C ALA A 352 -5.71 21.15 7.48
N THR A 353 -5.73 19.83 7.57
CA THR A 353 -6.67 19.02 6.80
C THR A 353 -7.08 17.81 7.63
N ARG A 354 -8.06 17.08 7.14
CA ARG A 354 -8.50 15.86 7.80
C ARG A 354 -7.50 14.81 7.31
N THR A 355 -7.64 13.57 7.76
CA THR A 355 -6.74 12.51 7.31
C THR A 355 -7.46 11.17 7.21
N HIS A 356 -7.11 10.40 6.18
CA HIS A 356 -7.74 9.09 5.98
C HIS A 356 -7.31 8.06 7.04
N PHE A 357 -6.26 8.37 7.79
CA PHE A 357 -5.76 7.46 8.83
C PHE A 357 -6.67 7.37 10.04
N SER A 358 -7.51 8.38 10.23
CA SER A 358 -8.43 8.43 11.36
C SER A 358 -9.54 9.43 11.10
N PRO A 359 -10.75 9.15 11.61
CA PRO A 359 -11.92 10.03 11.44
C PRO A 359 -11.83 11.32 12.26
N THR A 360 -11.10 11.29 13.36
CA THR A 360 -10.94 12.45 14.22
C THR A 360 -9.53 13.02 14.17
N GLY A 361 -8.74 12.58 13.20
CA GLY A 361 -7.39 13.08 13.08
C GLY A 361 -7.25 14.35 12.26
N ILE A 362 -6.29 15.19 12.65
CA ILE A 362 -6.04 16.44 11.93
C ILE A 362 -4.56 16.61 11.69
N LYS A 363 -4.18 16.71 10.43
CA LYS A 363 -2.78 16.91 10.06
C LYS A 363 -2.60 18.42 9.96
N THR A 364 -1.56 18.92 10.61
CA THR A 364 -1.33 20.35 10.60
C THR A 364 0.14 20.68 10.84
N SER A 365 0.56 21.83 10.33
CA SER A 365 1.93 22.29 10.51
C SER A 365 2.05 23.00 11.87
N ALA A 366 0.92 23.26 12.50
CA ALA A 366 0.90 23.94 13.79
C ALA A 366 1.57 23.12 14.89
N PRO A 367 2.24 23.81 15.83
CA PRO A 367 2.92 23.12 16.94
C PRO A 367 1.84 22.49 17.82
N TYR A 368 2.20 21.44 18.54
CA TYR A 368 1.27 20.76 19.44
C TYR A 368 0.55 21.74 20.38
N GLU A 369 1.31 22.62 21.01
CA GLU A 369 0.72 23.58 21.92
C GLU A 369 -0.32 24.48 21.25
N VAL A 370 -0.07 24.88 20.01
CA VAL A 370 -1.02 25.72 19.30
C VAL A 370 -2.29 24.91 19.02
N PHE A 371 -2.11 23.62 18.74
CA PHE A 371 -3.24 22.75 18.47
C PHE A 371 -4.12 22.62 19.72
N ILE A 372 -3.48 22.41 20.87
CA ILE A 372 -4.19 22.25 22.13
C ILE A 372 -5.00 23.48 22.49
N GLU A 373 -4.39 24.66 22.33
CA GLU A 373 -5.06 25.91 22.64
C GLU A 373 -6.27 26.08 21.72
N THR A 374 -6.14 25.58 20.49
CA THR A 374 -7.21 25.69 19.50
C THR A 374 -8.37 24.72 19.72
N ILE A 375 -8.07 23.51 20.18
CA ILE A 375 -9.13 22.51 20.40
C ILE A 375 -9.86 22.66 21.72
N LYS A 376 -9.20 23.27 22.71
CA LYS A 376 -9.81 23.47 24.02
C LYS A 376 -11.15 24.17 23.90
N ARG A 377 -12.20 23.49 24.37
CA ARG A 377 -13.55 24.03 24.31
C ARG A 377 -14.00 24.52 25.69
N SAM B . -4.18 -11.29 -5.26
CA SAM B . -5.46 -11.33 -4.82
C SAM B . -6.69 -10.70 -5.15
O SAM B . -7.65 -11.60 -5.10
OXT SAM B . -6.75 -9.48 -5.43
CB SAM B . -5.27 -12.40 -3.68
CG SAM B . -4.49 -13.36 -2.83
SD SAM B . -4.73 -14.46 -1.52
CE SAM B . -5.44 -13.56 -0.15
C5' SAM B . -3.14 -15.04 -1.30
C4' SAM B . -3.00 -16.57 -1.74
O4' SAM B . -1.58 -16.66 -1.82
C3' SAM B . -3.58 -17.85 -2.30
O3' SAM B . -4.31 -18.05 -3.56
C2' SAM B . -2.42 -18.84 -2.23
O2' SAM B . -2.44 -20.15 -2.38
C1' SAM B . -1.19 -18.03 -1.90
N9 SAM B . 0.36 -18.35 -1.63
C8 SAM B . 0.84 -18.66 -0.44
N7 SAM B . 2.13 -18.86 -0.54
C5 SAM B . 2.50 -18.68 -1.78
C6 SAM B . 3.73 -18.76 -2.46
N6 SAM B . 4.84 -19.07 -1.79
N1 SAM B . 3.78 -18.51 -3.82
C2 SAM B . 2.66 -18.19 -4.51
N3 SAM B . 1.45 -18.10 -3.89
C4 SAM B . 1.35 -18.35 -2.52
C1 GOL C . -1.08 11.99 1.75
O1 GOL C . -0.48 13.15 2.30
C2 GOL C . -0.75 10.79 2.63
O2 GOL C . -1.25 11.03 3.95
C3 GOL C . -1.39 9.54 2.04
O3 GOL C . -1.09 8.42 2.86
#